data_4X8G
#
_entry.id   4X8G
#
_cell.length_a   150.990
_cell.length_b   62.250
_cell.length_c   116.750
_cell.angle_alpha   90.00
_cell.angle_beta   124.71
_cell.angle_gamma   90.00
#
_symmetry.space_group_name_H-M   'C 1 2 1'
#
loop_
_entity.id
_entity.type
_entity.pdbx_description
1 polymer 'Protein-arginine deiminase type-4'
2 non-polymer 'CALCIUM ION'
3 non-polymer [(3R)-3-aminopiperidin-1-yl][2-(1-ethyl-1H-pyrrolo[2,3-b]pyridin-2-yl)-7-methoxy-1-methyl-1H-benzimidazol-5-yl]methanone
4 water water
#
_entity_poly.entity_id   1
_entity_poly.type   'polypeptide(L)'
_entity_poly.pdbx_seq_one_letter_code
;GPLGSPEFMAQGTLIRVTPEQPTHAVCVLGTLTQLDICSSAPEDCTSFSINASPGVVVDIAHGPPAKKKSTGSSTWPLDP
GVEVTLTMKVASGSTGDQKVQISYYGPKTPPVKALLYLTGVEISLCADITRTGKVKPTRAVKDQRTWTWGPCGQGAILLV
NCDRDNLESSAMDCEDDEVLDSEDLQDMSLMTLSTKTPKDFFTNHTLVLHVARSEMDKVRVFQATRGKLSSKCSVVLGPK
WPSHYLMVPGGKHNMDFYVEALAFPDTDFPGLITLTISLLDTSNLELPEAVVFQDSVVFRVAPWIMTPNTQPPQEVYACS
IFENEDFLKSVTTLAMKAKCKLTICPEEENMDDQWMQDEMEIGYIQAPHKTLPVVFDSPRNRGLKEFPIKRVMGPDFGYV
TRGPQTGGISGLDSFGNLEVSPPVTVRGKEYPLGRILFGDSCYPSNDSRQMHQALQDFLSAQQVQAPVKLYSDWLSVGHV
DEFLSFVPAPDRKGFRLLLASPRSCYKLFQEQQNEGHGEALLFEGIKKKKQQKIKNILSNKTLREHNSFVERCIDWNREL
LKRELGLAESDIIDIPQLFKLKEFSKAEAFFPNMVNMLVLGKHLGIPKPFGPVINGRCCLEEKVCSLLEPLGLQCTFIND
FFTYHIRHGEVHAGTNVRRKPFSFKWWNMVP
;
_entity_poly.pdbx_strand_id   A
#
# COMPACT_ATOMS: atom_id res chain seq x y z
N GLN A 11 24.04 20.91 3.98
CA GLN A 11 25.24 20.18 3.62
C GLN A 11 26.45 21.09 3.51
N GLY A 12 26.46 22.15 4.33
CA GLY A 12 27.54 23.11 4.31
C GLY A 12 27.88 23.64 5.70
N THR A 13 29.03 24.28 5.80
CA THR A 13 29.48 24.85 7.06
C THR A 13 30.52 25.96 6.83
N LEU A 14 30.23 27.15 7.37
CA LEU A 14 31.10 28.30 7.19
C LEU A 14 31.92 28.59 8.45
N ILE A 15 33.24 28.54 8.31
CA ILE A 15 34.14 28.79 9.43
C ILE A 15 34.83 30.14 9.29
N ARG A 16 34.89 30.90 10.37
CA ARG A 16 35.55 32.20 10.37
C ARG A 16 36.77 32.21 11.29
N VAL A 17 37.95 32.34 10.69
CA VAL A 17 39.19 32.34 11.47
C VAL A 17 39.63 33.75 11.81
N THR A 18 40.28 33.90 12.97
CA THR A 18 40.77 35.20 13.43
C THR A 18 42.21 35.07 13.93
N PRO A 19 43.03 36.10 13.68
CA PRO A 19 44.45 36.04 14.05
C PRO A 19 44.68 36.13 15.56
N GLU A 20 43.77 36.77 16.28
CA GLU A 20 43.94 37.00 17.72
C GLU A 20 43.71 35.72 18.52
N GLN A 21 42.93 34.79 17.97
CA GLN A 21 42.63 33.54 18.66
C GLN A 21 42.48 32.38 17.68
N PRO A 22 43.15 31.26 17.96
CA PRO A 22 43.08 30.07 17.11
C PRO A 22 41.67 29.48 17.06
N THR A 23 41.26 29.00 15.88
CA THR A 23 39.92 28.45 15.71
C THR A 23 39.95 26.93 15.57
N HIS A 24 39.13 26.25 16.36
CA HIS A 24 39.00 24.80 16.27
C HIS A 24 37.66 24.45 15.63
N ALA A 25 37.69 23.59 14.61
CA ALA A 25 36.47 23.27 13.87
C ALA A 25 36.35 21.77 13.55
N VAL A 26 35.12 21.27 13.67
CA VAL A 26 34.82 19.89 13.33
C VAL A 26 34.32 19.81 11.89
N CYS A 27 34.75 18.78 11.15
CA CYS A 27 34.35 18.61 9.76
C CYS A 27 33.83 17.21 9.48
N VAL A 28 32.59 17.12 9.00
CA VAL A 28 31.98 15.85 8.65
C VAL A 28 32.27 15.49 7.20
N LEU A 29 32.87 14.32 6.99
CA LEU A 29 33.22 13.88 5.65
C LEU A 29 31.99 13.79 4.74
N GLY A 30 32.03 14.51 3.62
CA GLY A 30 30.93 14.52 2.68
C GLY A 30 30.25 15.87 2.58
N THR A 31 30.60 16.78 3.46
CA THR A 31 30.00 18.11 3.47
C THR A 31 30.97 19.17 2.98
N LEU A 32 30.48 20.09 2.15
CA LEU A 32 31.31 21.17 1.63
C LEU A 32 31.60 22.20 2.71
N THR A 33 32.85 22.62 2.81
CA THR A 33 33.26 23.57 3.83
C THR A 33 33.96 24.79 3.24
N GLN A 34 33.41 25.97 3.49
CA GLN A 34 34.00 27.21 3.00
C GLN A 34 34.61 28.02 4.14
N LEU A 35 35.58 28.86 3.81
CA LEU A 35 36.29 29.65 4.82
C LEU A 35 35.99 31.14 4.72
N ASP A 36 35.83 31.77 5.88
CA ASP A 36 35.64 33.21 5.97
C ASP A 36 36.89 33.84 6.58
N ILE A 37 37.77 34.36 5.73
CA ILE A 37 39.01 34.96 6.20
C ILE A 37 38.98 36.48 6.09
N CYS A 38 37.98 37.01 5.39
CA CYS A 38 37.89 38.44 5.15
C CYS A 38 37.27 39.19 6.33
N SER A 39 36.29 38.58 6.97
CA SER A 39 35.52 39.23 8.03
C SER A 39 36.36 39.65 9.24
N SER A 40 37.43 38.91 9.50
CA SER A 40 38.27 39.19 10.65
C SER A 40 39.72 39.43 10.25
N ALA A 41 39.91 39.90 9.02
CA ALA A 41 41.24 40.21 8.50
C ALA A 41 41.69 41.60 8.95
N PRO A 42 43.01 41.80 9.11
CA PRO A 42 43.53 43.13 9.41
C PRO A 42 43.15 44.15 8.35
N GLU A 43 42.71 45.33 8.78
CA GLU A 43 42.28 46.39 7.88
C GLU A 43 43.43 46.92 7.02
N ASP A 44 44.66 46.78 7.51
CA ASP A 44 45.83 47.26 6.75
C ASP A 44 46.30 46.21 5.74
N CYS A 45 45.80 44.99 5.88
CA CYS A 45 46.17 43.89 4.99
C CYS A 45 45.33 43.91 3.71
N THR A 46 46.00 43.75 2.57
CA THR A 46 45.34 43.82 1.28
C THR A 46 45.39 42.49 0.53
N SER A 47 46.22 41.56 1.03
CA SER A 47 46.38 40.26 0.39
C SER A 47 46.54 39.16 1.43
N PHE A 48 46.43 37.91 0.97
CA PHE A 48 46.60 36.76 1.85
C PHE A 48 46.96 35.48 1.08
N SER A 49 47.49 34.50 1.81
CA SER A 49 47.85 33.22 1.23
C SER A 49 47.64 32.12 2.27
N ILE A 50 47.29 30.92 1.80
CA ILE A 50 46.95 29.83 2.71
C ILE A 50 47.73 28.55 2.41
N ASN A 51 48.27 27.94 3.47
CA ASN A 51 48.87 26.61 3.36
C ASN A 51 48.28 25.69 4.42
N ALA A 52 48.12 24.41 4.09
CA ALA A 52 47.53 23.46 5.01
C ALA A 52 48.21 22.10 4.94
N SER A 53 47.79 21.19 5.82
CA SER A 53 48.34 19.84 5.87
C SER A 53 47.92 19.03 4.64
N PRO A 54 48.69 17.97 4.32
CA PRO A 54 48.37 17.09 3.19
C PRO A 54 46.93 16.54 3.23
N GLY A 55 46.43 16.26 4.42
CA GLY A 55 45.08 15.74 4.58
C GLY A 55 44.01 16.74 4.17
N VAL A 56 44.34 18.02 4.24
CA VAL A 56 43.41 19.08 3.88
C VAL A 56 43.65 19.55 2.44
N VAL A 57 42.59 19.62 1.65
CA VAL A 57 42.69 20.05 0.26
C VAL A 57 41.97 21.38 0.04
N VAL A 58 42.66 22.33 -0.59
CA VAL A 58 42.11 23.65 -0.82
C VAL A 58 41.79 23.90 -2.29
N ASP A 59 40.55 24.27 -2.57
CA ASP A 59 40.13 24.64 -3.93
C ASP A 59 39.63 26.07 -3.94
N ILE A 60 40.55 27.02 -4.10
CA ILE A 60 40.20 28.44 -4.08
C ILE A 60 40.03 28.99 -5.50
N ALA A 61 39.01 29.83 -5.68
CA ALA A 61 38.72 30.41 -6.99
C ALA A 61 38.14 31.82 -6.86
N SER A 74 51.25 34.64 -7.00
CA SER A 74 50.24 33.61 -6.80
C SER A 74 49.49 33.82 -5.49
N THR A 75 49.56 35.03 -4.96
CA THR A 75 48.83 35.38 -3.74
C THR A 75 47.56 36.14 -4.09
N TRP A 76 46.51 35.92 -3.30
CA TRP A 76 45.17 36.42 -3.63
C TRP A 76 44.91 37.78 -2.99
N PRO A 77 44.03 38.60 -3.62
CA PRO A 77 43.83 40.00 -3.22
C PRO A 77 42.75 40.22 -2.16
N LEU A 78 42.33 39.16 -1.48
CA LEU A 78 41.39 39.27 -0.35
C LEU A 78 40.08 39.97 -0.70
N ASP A 79 39.63 39.82 -1.95
CA ASP A 79 38.33 40.34 -2.36
C ASP A 79 37.24 39.47 -1.77
N PRO A 80 36.11 40.08 -1.37
CA PRO A 80 34.99 39.31 -0.82
C PRO A 80 34.47 38.22 -1.74
N GLY A 81 34.66 38.40 -3.05
CA GLY A 81 34.13 37.47 -4.04
C GLY A 81 34.90 36.16 -4.16
N VAL A 82 36.03 36.04 -3.49
CA VAL A 82 36.84 34.83 -3.58
C VAL A 82 36.21 33.71 -2.74
N GLU A 83 36.28 32.49 -3.24
CA GLU A 83 35.71 31.34 -2.54
C GLU A 83 36.78 30.33 -2.14
N VAL A 84 37.03 30.22 -0.83
CA VAL A 84 37.96 29.24 -0.30
C VAL A 84 37.23 27.98 0.13
N THR A 85 37.41 26.90 -0.64
CA THR A 85 36.73 25.64 -0.36
C THR A 85 37.69 24.62 0.25
N LEU A 86 37.21 23.87 1.25
CA LEU A 86 38.03 22.86 1.91
C LEU A 86 37.46 21.46 1.75
N THR A 87 38.34 20.49 1.57
CA THR A 87 37.95 19.09 1.46
C THR A 87 38.97 18.21 2.17
N MET A 88 38.48 17.34 3.05
CA MET A 88 39.37 16.45 3.81
C MET A 88 39.29 15.02 3.29
N LYS A 89 40.45 14.38 3.21
CA LYS A 89 40.56 13.05 2.60
C LYS A 89 39.91 11.96 3.45
N VAL A 90 40.26 11.89 4.72
CA VAL A 90 39.75 10.84 5.59
C VAL A 90 39.51 11.30 7.02
N ALA A 91 38.95 10.40 7.83
CA ALA A 91 38.66 10.68 9.23
C ALA A 91 39.92 10.92 10.04
N SER A 92 39.82 11.79 11.03
CA SER A 92 40.95 12.10 11.91
C SER A 92 41.22 10.97 12.89
N GLY A 93 42.51 10.72 13.16
CA GLY A 93 42.90 9.75 14.17
C GLY A 93 43.05 10.42 15.52
N SER A 94 43.25 11.73 15.50
CA SER A 94 43.35 12.52 16.72
C SER A 94 42.59 13.83 16.57
N THR A 95 42.29 14.49 17.69
CA THR A 95 41.56 15.75 17.66
C THR A 95 42.45 16.88 17.18
N GLY A 96 42.06 17.49 16.05
CA GLY A 96 42.82 18.58 15.48
C GLY A 96 44.15 18.14 14.90
N ASP A 97 44.17 16.98 14.25
CA ASP A 97 45.39 16.45 13.68
C ASP A 97 45.68 17.03 12.31
N GLN A 98 44.78 17.89 11.83
CA GLN A 98 44.98 18.60 10.56
C GLN A 98 44.98 20.10 10.80
N LYS A 99 45.87 20.80 10.13
CA LYS A 99 46.06 22.23 10.38
C LYS A 99 45.86 23.08 9.12
N VAL A 100 45.41 24.32 9.33
CA VAL A 100 45.30 25.30 8.26
C VAL A 100 45.85 26.64 8.71
N GLN A 101 46.89 27.12 8.04
CA GLN A 101 47.50 28.41 8.39
C GLN A 101 47.07 29.50 7.43
N ILE A 102 46.48 30.56 7.97
CA ILE A 102 46.06 31.69 7.17
C ILE A 102 46.91 32.91 7.50
N SER A 103 47.73 33.33 6.53
CA SER A 103 48.63 34.46 6.73
C SER A 103 48.13 35.72 6.01
N TYR A 104 48.16 36.85 6.70
CA TYR A 104 47.72 38.12 6.12
C TYR A 104 48.91 39.01 5.77
N TYR A 105 48.73 39.81 4.72
CA TYR A 105 49.79 40.73 4.28
C TYR A 105 49.22 42.11 3.97
N PRO A 111 53.50 40.80 8.68
CA PRO A 111 52.42 39.85 8.43
C PRO A 111 51.88 39.20 9.71
N VAL A 112 50.59 38.85 9.71
CA VAL A 112 49.97 38.20 10.85
C VAL A 112 49.29 36.90 10.43
N LYS A 113 49.52 35.83 11.21
CA LYS A 113 49.01 34.51 10.85
C LYS A 113 47.80 34.11 11.70
N ALA A 114 46.85 33.42 11.06
CA ALA A 114 45.67 32.90 11.75
C ALA A 114 45.62 31.38 11.63
N LEU A 115 45.33 30.72 12.75
CA LEU A 115 45.36 29.26 12.81
C LEU A 115 43.98 28.63 12.75
N LEU A 116 43.94 27.37 12.32
CA LEU A 116 42.70 26.62 12.21
C LEU A 116 42.94 25.11 12.38
N TYR A 117 42.51 24.56 13.51
CA TYR A 117 42.68 23.14 13.77
C TYR A 117 41.41 22.36 13.40
N LEU A 118 41.55 21.42 12.48
CA LEU A 118 40.40 20.68 11.95
C LEU A 118 40.40 19.23 12.39
N THR A 119 39.19 18.69 12.59
CA THR A 119 39.01 17.29 12.94
C THR A 119 38.02 16.63 11.99
N GLY A 120 38.50 15.64 11.24
CA GLY A 120 37.65 14.95 10.28
C GLY A 120 36.90 13.80 10.90
N VAL A 121 35.57 13.84 10.78
CA VAL A 121 34.73 12.78 11.32
C VAL A 121 33.77 12.23 10.27
N GLU A 122 33.36 10.99 10.45
CA GLU A 122 32.41 10.35 9.54
C GLU A 122 31.09 10.07 10.24
N ILE A 123 30.02 10.72 9.78
CA ILE A 123 28.69 10.49 10.34
C ILE A 123 27.68 10.20 9.24
N SER A 124 27.49 8.92 8.92
CA SER A 124 26.58 8.55 7.85
C SER A 124 25.39 7.71 8.34
N LEU A 125 24.19 8.18 8.04
CA LEU A 125 22.96 7.45 8.37
C LEU A 125 22.47 6.72 7.12
N CYS A 126 22.28 5.41 7.24
CA CYS A 126 22.00 4.58 6.06
C CYS A 126 20.69 3.81 6.17
N ALA A 127 19.99 3.70 5.05
CA ALA A 127 18.75 2.94 4.96
C ALA A 127 18.55 2.42 3.55
N ASP A 128 17.58 1.52 3.38
CA ASP A 128 17.31 0.94 2.05
C ASP A 128 16.58 1.95 1.16
N ILE A 129 17.30 2.97 0.71
CA ILE A 129 16.69 4.03 -0.09
C ILE A 129 16.64 3.66 -1.57
N THR A 130 17.35 2.60 -1.94
CA THR A 130 17.38 2.15 -3.33
C THR A 130 16.30 1.11 -3.60
N ARG A 131 15.61 0.70 -2.53
CA ARG A 131 14.51 -0.27 -2.62
C ARG A 131 14.94 -1.58 -3.27
N THR A 132 16.09 -2.10 -2.84
CA THR A 132 16.62 -3.34 -3.39
C THR A 132 16.74 -4.43 -2.32
N GLY A 133 16.59 -4.03 -1.07
CA GLY A 133 16.68 -4.97 0.04
C GLY A 133 17.95 -4.83 0.83
N LYS A 134 18.91 -4.09 0.27
CA LYS A 134 20.19 -3.86 0.91
C LYS A 134 20.33 -2.41 1.33
N VAL A 135 20.95 -2.19 2.49
CA VAL A 135 21.08 -0.85 3.05
C VAL A 135 22.18 -0.04 2.35
N LYS A 136 21.80 1.13 1.83
CA LYS A 136 22.75 2.01 1.15
C LYS A 136 22.85 3.36 1.85
N PRO A 137 24.08 3.90 1.95
CA PRO A 137 24.33 5.16 2.66
C PRO A 137 23.75 6.39 1.94
N THR A 138 23.85 7.55 2.59
CA THR A 138 23.36 8.80 2.01
C THR A 138 24.53 9.67 1.54
N ALA A 140 23.04 8.10 -4.50
CA ALA A 140 22.85 8.48 -3.11
C ALA A 140 22.65 9.98 -2.96
N VAL A 141 23.35 10.76 -3.77
CA VAL A 141 23.30 12.21 -3.69
C VAL A 141 22.04 12.78 -4.36
N LYS A 142 21.38 11.97 -5.17
CA LYS A 142 20.19 12.40 -5.90
C LYS A 142 18.95 12.39 -5.02
N ASP A 143 18.98 11.61 -3.95
CA ASP A 143 17.84 11.47 -3.05
C ASP A 143 17.48 12.80 -2.40
N GLN A 144 18.47 13.45 -1.78
CA GLN A 144 18.31 14.75 -1.14
C GLN A 144 17.22 14.72 -0.07
N ARG A 145 17.13 13.61 0.65
CA ARG A 145 16.15 13.42 1.73
C ARG A 145 14.73 13.70 1.28
N THR A 146 14.39 13.30 0.06
CA THR A 146 13.04 13.49 -0.48
C THR A 146 12.53 12.20 -1.09
N TRP A 147 11.34 11.78 -0.68
CA TRP A 147 10.74 10.55 -1.21
C TRP A 147 10.11 10.79 -2.57
N THR A 148 10.41 9.92 -3.53
CA THR A 148 9.93 10.08 -4.89
C THR A 148 9.45 8.77 -5.50
N TRP A 149 8.25 8.80 -6.09
CA TRP A 149 7.67 7.63 -6.75
C TRP A 149 8.44 7.27 -8.01
N GLY A 150 8.29 6.02 -8.46
CA GLY A 150 8.86 5.61 -9.73
C GLY A 150 10.10 4.72 -9.63
N PRO A 151 10.52 4.17 -10.78
CA PRO A 151 11.72 3.34 -10.90
C PRO A 151 13.00 4.16 -10.77
N CYS A 152 12.93 5.44 -11.09
CA CYS A 152 14.09 6.33 -10.99
C CYS A 152 14.04 7.17 -9.71
N GLY A 153 13.10 6.84 -8.83
CA GLY A 153 12.95 7.57 -7.58
C GLY A 153 13.70 6.92 -6.44
N GLN A 154 13.81 7.63 -5.33
CA GLN A 154 14.51 7.12 -4.16
C GLN A 154 13.70 7.34 -2.87
N GLY A 155 13.90 6.45 -1.90
CA GLY A 155 13.20 6.54 -0.64
C GLY A 155 12.92 5.16 -0.06
N ALA A 156 13.18 5.01 1.24
CA ALA A 156 13.00 3.71 1.90
C ALA A 156 11.52 3.40 2.15
N ILE A 157 11.21 2.11 2.23
CA ILE A 157 9.84 1.67 2.48
C ILE A 157 9.71 1.09 3.89
N LEU A 158 8.63 1.47 4.58
CA LEU A 158 8.35 0.99 5.93
C LEU A 158 6.99 0.31 5.98
N LEU A 159 6.93 -0.86 6.61
CA LEU A 159 5.67 -1.60 6.72
C LEU A 159 4.97 -1.35 8.06
N VAL A 160 3.65 -1.41 8.05
CA VAL A 160 2.88 -1.37 9.29
C VAL A 160 3.00 -2.71 9.99
N ASN A 161 3.37 -2.69 11.27
CA ASN A 161 3.49 -3.91 12.05
C ASN A 161 2.13 -4.38 12.55
N CYS A 162 1.29 -4.86 11.64
CA CYS A 162 -0.10 -5.15 11.95
C CYS A 162 -0.41 -6.64 12.04
N ASP A 163 0.62 -7.47 12.24
CA ASP A 163 0.42 -8.90 12.37
C ASP A 163 0.74 -9.38 13.78
N ARG A 164 0.98 -10.68 13.93
CA ARG A 164 1.19 -11.27 15.25
C ARG A 164 2.05 -12.51 15.18
N ASP A 165 3.36 -12.33 15.04
CA ASP A 165 4.29 -13.45 14.93
C ASP A 165 4.40 -14.20 16.25
N ASN A 166 4.45 -13.45 17.36
CA ASN A 166 4.49 -14.04 18.69
C ASN A 166 3.20 -14.79 19.00
N LEU A 167 3.27 -16.12 18.93
CA LEU A 167 2.08 -16.96 19.12
C LEU A 167 1.44 -16.79 20.49
N GLU A 168 2.26 -16.45 21.49
CA GLU A 168 1.75 -16.30 22.85
C GLU A 168 0.98 -14.99 23.01
N SER A 169 1.58 -13.89 22.58
CA SER A 169 0.93 -12.58 22.66
C SER A 169 -0.34 -12.57 21.83
N SER A 170 -1.44 -12.12 22.43
CA SER A 170 -2.73 -12.09 21.75
C SER A 170 -2.94 -10.77 21.00
N ALA A 171 -2.24 -9.74 21.45
CA ALA A 171 -2.38 -8.41 20.86
C ALA A 171 -1.49 -8.22 19.65
N MET A 172 -1.63 -7.08 18.98
CA MET A 172 -0.82 -6.74 17.81
C MET A 172 0.61 -6.46 18.25
N ASP A 173 1.56 -6.62 17.33
CA ASP A 173 2.97 -6.41 17.64
C ASP A 173 3.29 -4.94 17.87
N CYS A 174 2.56 -4.05 17.19
CA CYS A 174 2.85 -2.62 17.25
C CYS A 174 2.14 -1.93 18.40
N GLU A 175 1.46 -2.71 19.25
CA GLU A 175 0.71 -2.16 20.36
C GLU A 175 1.57 -2.01 21.62
N ASP A 176 2.73 -2.65 21.61
CA ASP A 176 3.66 -2.58 22.74
C ASP A 176 4.98 -1.93 22.35
N ASP A 177 5.93 -1.92 23.28
CA ASP A 177 7.24 -1.33 23.03
C ASP A 177 8.37 -2.32 23.31
N GLU A 178 8.32 -3.47 22.65
CA GLU A 178 9.34 -4.50 22.82
C GLU A 178 9.39 -5.45 21.64
N VAL A 179 10.56 -6.02 21.39
CA VAL A 179 10.73 -7.02 20.34
C VAL A 179 10.86 -8.41 20.96
N LEU A 180 9.82 -9.21 20.82
CA LEU A 180 9.77 -10.51 21.51
C LEU A 180 10.48 -11.63 20.74
N ASP A 181 10.17 -11.77 19.46
CA ASP A 181 10.72 -12.86 18.66
C ASP A 181 11.69 -12.35 17.60
N SER A 182 12.59 -13.23 17.18
CA SER A 182 13.54 -12.92 16.11
C SER A 182 12.84 -12.89 14.76
N GLU A 183 11.70 -13.58 14.68
CA GLU A 183 10.93 -13.65 13.45
C GLU A 183 10.24 -12.33 13.15
N ASP A 184 10.17 -11.46 14.15
CA ASP A 184 9.50 -10.17 14.01
C ASP A 184 10.38 -9.15 13.31
N LEU A 185 11.69 -9.38 13.32
CA LEU A 185 12.64 -8.43 12.72
C LEU A 185 12.53 -8.38 11.20
N GLN A 186 11.98 -9.44 10.61
CA GLN A 186 11.82 -9.50 9.16
C GLN A 186 10.79 -8.48 8.67
N ASP A 187 9.87 -8.11 9.56
CA ASP A 187 8.83 -7.15 9.21
C ASP A 187 9.31 -5.70 9.31
N MET A 188 10.33 -5.47 10.13
CA MET A 188 10.84 -4.13 10.36
C MET A 188 11.94 -3.75 9.37
N SER A 189 11.99 -2.47 9.01
CA SER A 189 13.02 -1.95 8.12
C SER A 189 14.32 -1.69 8.87
N LEU A 190 15.45 -1.87 8.20
CA LEU A 190 16.75 -1.70 8.84
C LEU A 190 17.33 -0.31 8.57
N MET A 191 17.97 0.25 9.60
CA MET A 191 18.64 1.55 9.49
C MET A 191 19.95 1.52 10.27
N THR A 192 21.04 1.90 9.62
CA THR A 192 22.35 1.79 10.25
C THR A 192 23.04 3.15 10.41
N LEU A 193 23.76 3.32 11.51
CA LEU A 193 24.56 4.52 11.74
C LEU A 193 26.03 4.15 11.89
N SER A 194 26.80 4.41 10.84
CA SER A 194 28.22 4.12 10.85
C SER A 194 29.05 5.37 11.11
N THR A 195 29.93 5.30 12.09
CA THR A 195 30.74 6.46 12.48
C THR A 195 32.22 6.14 12.64
N LYS A 196 33.08 6.99 12.08
CA LYS A 196 34.52 6.84 12.22
C LYS A 196 35.15 8.14 12.68
N THR A 197 35.38 8.24 14.00
CA THR A 197 35.89 9.47 14.60
C THR A 197 37.08 9.16 15.51
N PRO A 198 37.82 10.20 15.96
CA PRO A 198 38.82 9.95 16.99
C PRO A 198 38.22 9.38 18.28
N LYS A 199 39.06 8.82 19.14
CA LYS A 199 38.59 8.18 20.36
C LYS A 199 38.13 9.20 21.41
N ASP A 200 38.89 10.27 21.59
CA ASP A 200 38.56 11.28 22.58
C ASP A 200 37.59 12.32 22.02
N PHE A 201 37.06 12.05 20.84
CA PHE A 201 36.17 12.98 20.15
C PHE A 201 34.81 13.11 20.82
N PHE A 202 34.42 12.10 21.60
CA PHE A 202 33.07 12.04 22.15
C PHE A 202 32.94 12.54 23.59
N THR A 203 34.02 13.08 24.16
CA THR A 203 33.95 13.59 25.52
C THR A 203 33.29 14.97 25.55
N ASN A 204 33.30 15.65 24.41
CA ASN A 204 32.76 17.00 24.31
C ASN A 204 31.70 17.13 23.21
N HIS A 205 31.46 16.05 22.48
CA HIS A 205 30.41 16.02 21.48
C HIS A 205 29.40 14.91 21.78
N THR A 206 28.23 15.00 21.15
CA THR A 206 27.17 14.03 21.37
C THR A 206 26.24 13.88 20.17
N LEU A 207 25.73 12.67 19.98
CA LEU A 207 24.78 12.39 18.91
C LEU A 207 23.38 12.14 19.46
N VAL A 208 22.38 12.61 18.73
CA VAL A 208 20.99 12.41 19.13
C VAL A 208 20.11 12.07 17.94
N LEU A 209 19.34 11.00 18.08
CA LEU A 209 18.40 10.59 17.04
C LEU A 209 17.00 11.11 17.39
N HIS A 210 16.31 11.67 16.41
CA HIS A 210 15.00 12.28 16.67
C HIS A 210 14.05 12.26 15.48
N VAL A 211 12.77 12.40 15.78
CA VAL A 211 11.72 12.45 14.77
C VAL A 211 10.75 13.59 15.12
N ALA A 212 10.06 14.13 14.13
CA ALA A 212 9.09 15.20 14.35
C ALA A 212 8.03 14.77 15.37
N ARG A 213 7.48 15.74 16.09
CA ARG A 213 6.51 15.45 17.15
C ARG A 213 5.17 14.98 16.59
N SER A 214 4.91 15.29 15.32
CA SER A 214 3.65 14.91 14.68
C SER A 214 3.69 13.48 14.16
N GLU A 215 4.90 12.99 13.88
CA GLU A 215 5.07 11.68 13.27
C GLU A 215 5.37 10.59 14.30
N MET A 216 5.65 11.00 15.53
CA MET A 216 6.17 10.08 16.54
C MET A 216 5.18 8.99 16.95
N ASP A 217 3.89 9.23 16.73
CA ASP A 217 2.87 8.26 17.12
C ASP A 217 2.61 7.22 16.03
N LYS A 218 3.28 7.40 14.88
CA LYS A 218 3.12 6.49 13.76
C LYS A 218 4.30 5.53 13.62
N VAL A 219 5.38 5.80 14.35
CA VAL A 219 6.62 5.06 14.19
C VAL A 219 7.27 4.74 15.54
N ARG A 220 7.90 3.56 15.63
CA ARG A 220 8.69 3.19 16.80
C ARG A 220 10.04 2.63 16.35
N VAL A 221 11.11 3.09 16.97
CA VAL A 221 12.45 2.69 16.56
C VAL A 221 13.17 1.90 17.65
N PHE A 222 13.82 0.81 17.26
CA PHE A 222 14.56 -0.03 18.19
C PHE A 222 16.06 0.01 17.90
N GLN A 223 16.86 -0.10 18.95
CA GLN A 223 18.31 -0.20 18.79
C GLN A 223 18.76 -1.63 19.09
N ALA A 224 19.47 -2.23 18.15
CA ALA A 224 19.91 -3.61 18.29
C ALA A 224 21.31 -3.70 18.89
N THR A 225 21.52 -4.66 19.77
CA THR A 225 22.81 -4.86 20.42
C THR A 225 23.40 -6.22 20.08
N LYS A 232 17.98 -8.83 21.84
CA LYS A 232 18.65 -7.67 22.41
C LYS A 232 18.24 -6.40 21.68
N CYS A 233 17.06 -5.89 22.01
CA CYS A 233 16.55 -4.66 21.39
C CYS A 233 15.88 -3.77 22.42
N SER A 234 16.10 -2.46 22.30
CA SER A 234 15.52 -1.49 23.23
C SER A 234 14.95 -0.30 22.47
N VAL A 235 13.94 0.34 23.05
CA VAL A 235 13.26 1.46 22.41
C VAL A 235 14.06 2.76 22.55
N VAL A 236 14.28 3.43 21.42
CA VAL A 236 14.92 4.74 21.43
C VAL A 236 13.92 5.83 21.01
N LEU A 237 13.10 5.51 20.01
CA LEU A 237 12.10 6.46 19.51
C LEU A 237 10.72 5.81 19.43
N GLY A 238 9.69 6.64 19.56
CA GLY A 238 8.31 6.18 19.51
C GLY A 238 7.37 7.24 20.03
N PRO A 239 6.11 6.87 20.29
CA PRO A 239 5.13 7.79 20.90
C PRO A 239 5.60 8.29 22.26
N LYS A 240 5.43 9.58 22.52
CA LYS A 240 5.86 10.22 23.76
C LYS A 240 7.37 10.13 23.99
N TRP A 241 8.11 9.87 22.91
CA TRP A 241 9.57 9.84 22.97
C TRP A 241 10.16 10.26 21.62
N PRO A 242 10.10 11.56 21.31
CA PRO A 242 10.53 12.08 20.00
C PRO A 242 12.04 12.13 19.81
N SER A 243 12.79 12.23 20.91
CA SER A 243 14.24 12.31 20.81
C SER A 243 14.92 11.39 21.83
N HIS A 244 16.17 11.05 21.55
CA HIS A 244 16.93 10.17 22.44
C HIS A 244 18.43 10.29 22.19
N TYR A 245 19.19 10.49 23.26
CA TYR A 245 20.64 10.56 23.17
C TYR A 245 21.22 9.19 22.83
N LEU A 246 22.28 9.18 22.02
CA LEU A 246 22.91 7.93 21.61
C LEU A 246 24.23 7.69 22.35
N MET A 247 24.50 6.43 22.66
CA MET A 247 25.73 6.06 23.33
C MET A 247 26.66 5.31 22.38
N VAL A 248 27.52 6.07 21.71
CA VAL A 248 28.47 5.50 20.76
C VAL A 248 29.90 5.72 21.29
N PRO A 249 30.82 4.80 20.95
CA PRO A 249 32.22 5.04 21.32
C PRO A 249 33.00 5.71 20.20
N GLY A 250 34.21 6.18 20.51
CA GLY A 250 35.10 6.75 19.50
C GLY A 250 35.72 5.66 18.66
N GLY A 251 36.20 6.03 17.47
CA GLY A 251 36.80 5.06 16.57
C GLY A 251 35.84 4.64 15.47
N LYS A 252 36.15 3.52 14.82
CA LYS A 252 35.27 2.97 13.79
C LYS A 252 34.18 2.13 14.43
N HIS A 253 32.96 2.63 14.41
CA HIS A 253 31.83 1.94 15.04
C HIS A 253 30.52 2.17 14.30
N ASN A 254 29.87 1.08 13.89
CA ASN A 254 28.56 1.15 13.26
C ASN A 254 27.48 0.68 14.25
N MET A 255 26.24 1.12 14.01
CA MET A 255 25.14 0.81 14.92
C MET A 255 23.86 0.52 14.15
N ASP A 256 23.16 -0.56 14.52
CA ASP A 256 21.95 -0.97 13.81
C ASP A 256 20.67 -0.51 14.51
N PHE A 257 19.72 -0.07 13.71
CA PHE A 257 18.39 0.31 14.21
C PHE A 257 17.31 -0.42 13.42
N TYR A 258 16.25 -0.82 14.11
CA TYR A 258 15.11 -1.45 13.46
C TYR A 258 13.87 -0.60 13.61
N VAL A 259 13.23 -0.28 12.47
CA VAL A 259 12.12 0.65 12.44
C VAL A 259 10.80 -0.04 12.09
N GLU A 260 9.73 0.31 12.81
CA GLU A 260 8.40 -0.22 12.55
C GLU A 260 7.38 0.92 12.44
N ALA A 261 6.33 0.70 11.63
CA ALA A 261 5.25 1.67 11.51
C ALA A 261 4.06 1.26 12.37
N LEU A 262 3.31 2.24 12.84
CA LEU A 262 2.20 1.95 13.75
C LEU A 262 0.84 2.39 13.19
N ALA A 263 0.86 3.00 12.01
CA ALA A 263 -0.37 3.51 11.41
C ALA A 263 -0.34 3.52 9.89
N PHE A 264 -1.43 3.06 9.28
CA PHE A 264 -1.60 3.13 7.83
C PHE A 264 -1.84 4.57 7.39
N PRO A 265 -1.53 4.88 6.12
CA PRO A 265 -1.85 6.21 5.57
C PRO A 265 -3.34 6.47 5.57
N ASP A 266 -3.73 7.67 6.01
CA ASP A 266 -5.14 8.03 6.09
C ASP A 266 -5.32 9.50 5.71
N THR A 267 -6.47 10.06 6.06
CA THR A 267 -6.77 11.46 5.78
C THR A 267 -5.93 12.40 6.65
N ASP A 268 -5.36 11.86 7.72
CA ASP A 268 -4.58 12.65 8.65
C ASP A 268 -3.12 12.24 8.65
N PHE A 269 -2.76 11.36 7.72
CA PHE A 269 -1.39 10.86 7.64
C PHE A 269 -1.05 10.44 6.21
N PRO A 270 -0.36 11.33 5.47
CA PRO A 270 0.04 11.10 4.07
C PRO A 270 0.88 9.83 3.90
N GLY A 271 1.66 9.48 4.92
CA GLY A 271 2.41 8.23 4.90
C GLY A 271 3.91 8.39 4.88
N LEU A 272 4.41 9.53 5.31
CA LEU A 272 5.85 9.77 5.33
C LEU A 272 6.39 9.93 6.75
N ILE A 273 7.54 9.30 7.00
CA ILE A 273 8.25 9.41 8.28
C ILE A 273 9.69 9.85 8.03
N THR A 274 10.15 10.82 8.81
CA THR A 274 11.50 11.34 8.61
C THR A 274 12.32 11.28 9.90
N LEU A 275 13.32 10.41 9.91
CA LEU A 275 14.21 10.27 11.07
C LEU A 275 15.47 11.09 10.86
N THR A 276 15.98 11.68 11.94
CA THR A 276 17.12 12.60 11.84
C THR A 276 18.17 12.36 12.91
N ILE A 277 19.44 12.35 12.49
CA ILE A 277 20.55 12.30 13.41
C ILE A 277 21.15 13.70 13.54
N SER A 278 21.65 14.04 14.73
CA SER A 278 22.21 15.37 14.96
C SER A 278 23.52 15.32 15.75
N LEU A 279 24.51 16.06 15.28
CA LEU A 279 25.79 16.16 15.97
C LEU A 279 25.87 17.46 16.78
N LEU A 280 26.05 17.34 18.08
CA LEU A 280 26.02 18.51 18.96
C LEU A 280 27.37 18.78 19.61
N ASP A 281 27.67 20.06 19.81
CA ASP A 281 28.89 20.47 20.50
C ASP A 281 28.55 20.83 21.95
N THR A 282 29.22 20.20 22.89
CA THR A 282 28.94 20.42 24.31
C THR A 282 30.21 20.76 25.10
N SER A 283 31.17 21.38 24.44
CA SER A 283 32.44 21.74 25.08
C SER A 283 32.26 22.81 26.14
N ASN A 284 31.27 23.68 25.93
CA ASN A 284 30.95 24.72 26.91
C ASN A 284 29.91 24.22 27.91
N LEU A 285 30.34 24.03 29.15
CA LEU A 285 29.49 23.47 30.20
C LEU A 285 28.29 24.37 30.51
N GLU A 286 28.53 25.68 30.53
CA GLU A 286 27.51 26.64 30.91
C GLU A 286 26.54 26.97 29.78
N LEU A 287 27.02 26.87 28.55
CA LEU A 287 26.21 27.21 27.39
C LEU A 287 25.44 25.99 26.88
N PRO A 288 24.21 26.22 26.39
CA PRO A 288 23.38 25.14 25.83
C PRO A 288 24.05 24.47 24.62
N GLU A 289 23.60 23.26 24.29
CA GLU A 289 24.20 22.48 23.20
C GLU A 289 24.04 23.17 21.85
N ALA A 290 25.12 23.18 21.07
CA ALA A 290 25.11 23.79 19.75
C ALA A 290 25.14 22.73 18.66
N VAL A 291 24.36 22.94 17.60
CA VAL A 291 24.26 21.98 16.52
C VAL A 291 25.39 22.16 15.52
N VAL A 292 26.00 21.05 15.10
CA VAL A 292 27.11 21.09 14.15
C VAL A 292 26.74 20.42 12.83
N PHE A 293 25.94 19.35 12.91
CA PHE A 293 25.62 18.56 11.72
C PHE A 293 24.31 17.78 11.88
N GLN A 294 23.55 17.71 10.79
CA GLN A 294 22.31 16.94 10.76
C GLN A 294 22.20 16.10 9.48
N ASP A 295 21.63 14.91 9.61
CA ASP A 295 21.38 14.05 8.45
C ASP A 295 20.10 13.25 8.66
N SER A 296 19.38 13.00 7.57
CA SER A 296 18.05 12.40 7.68
C SER A 296 17.79 11.28 6.66
N VAL A 297 16.79 10.46 6.97
CA VAL A 297 16.30 9.45 6.04
C VAL A 297 14.77 9.48 6.05
N VAL A 298 14.16 9.35 4.88
CA VAL A 298 12.70 9.45 4.78
C VAL A 298 12.07 8.11 4.43
N PHE A 299 11.21 7.62 5.33
CA PHE A 299 10.49 6.38 5.10
C PHE A 299 9.08 6.64 4.60
N ARG A 300 8.59 5.77 3.74
CA ARG A 300 7.19 5.82 3.32
C ARG A 300 6.45 4.57 3.79
N VAL A 301 5.32 4.78 4.46
CA VAL A 301 4.53 3.68 4.96
C VAL A 301 3.78 2.98 3.82
N ALA A 302 4.01 1.68 3.67
CA ALA A 302 3.39 0.91 2.60
C ALA A 302 1.88 0.84 2.76
N PRO A 303 1.15 1.08 1.66
CA PRO A 303 -0.32 1.11 1.67
C PRO A 303 -0.96 -0.28 1.58
N TRP A 304 -2.27 -0.33 1.76
CA TRP A 304 -3.02 -1.58 1.64
C TRP A 304 -3.50 -1.78 0.21
N ILE A 305 -3.18 -2.93 -0.36
CA ILE A 305 -3.50 -3.21 -1.77
C ILE A 305 -4.41 -4.43 -1.92
N MET A 306 -5.43 -4.30 -2.76
CA MET A 306 -6.35 -5.40 -3.02
C MET A 306 -5.88 -6.29 -4.17
N THR A 307 -6.47 -7.47 -4.28
CA THR A 307 -6.15 -8.39 -5.36
C THR A 307 -7.41 -8.80 -6.14
N PRO A 308 -7.41 -8.58 -7.45
CA PRO A 308 -8.54 -8.91 -8.34
C PRO A 308 -8.61 -10.41 -8.62
N ASN A 309 -9.73 -10.85 -9.19
CA ASN A 309 -9.96 -12.27 -9.47
C ASN A 309 -8.97 -12.87 -10.46
N THR A 310 -8.35 -12.02 -11.27
CA THR A 310 -7.40 -12.47 -12.29
C THR A 310 -6.11 -13.01 -11.67
N GLN A 311 -5.83 -12.62 -10.43
CA GLN A 311 -4.65 -13.09 -9.72
C GLN A 311 -4.86 -14.52 -9.23
N PRO A 312 -3.79 -15.34 -9.26
CA PRO A 312 -3.85 -16.73 -8.78
C PRO A 312 -4.19 -16.81 -7.30
N PRO A 313 -5.01 -17.81 -6.91
CA PRO A 313 -5.44 -17.96 -5.53
C PRO A 313 -4.49 -18.82 -4.71
N GLN A 314 -4.04 -18.30 -3.57
CA GLN A 314 -3.13 -19.02 -2.69
C GLN A 314 -3.88 -19.96 -1.77
N GLU A 315 -5.06 -19.54 -1.32
CA GLU A 315 -5.82 -20.30 -0.33
C GLU A 315 -7.30 -19.98 -0.42
N VAL A 316 -8.14 -20.96 -0.10
CA VAL A 316 -9.59 -20.78 -0.08
C VAL A 316 -10.14 -21.00 1.32
N TYR A 317 -10.94 -20.06 1.79
CA TYR A 317 -11.49 -20.11 3.14
C TYR A 317 -12.97 -20.45 3.10
N ALA A 318 -13.44 -21.22 4.07
CA ALA A 318 -14.83 -21.64 4.12
C ALA A 318 -15.32 -21.88 5.54
N CYS A 319 -16.63 -21.72 5.75
CA CYS A 319 -17.23 -21.92 7.06
C CYS A 319 -18.70 -22.31 6.94
N PHE A 322 -23.07 -27.53 9.47
CA PHE A 322 -24.44 -27.12 9.72
C PHE A 322 -25.30 -27.37 8.48
N GLU A 323 -24.90 -26.79 7.35
CA GLU A 323 -25.65 -26.95 6.12
C GLU A 323 -24.73 -27.18 4.92
N ASN A 324 -25.34 -27.42 3.77
CA ASN A 324 -24.65 -27.62 2.50
C ASN A 324 -23.39 -28.50 2.61
N GLU A 325 -23.53 -29.62 3.30
CA GLU A 325 -22.42 -30.57 3.45
C GLU A 325 -22.00 -31.13 2.11
N ASP A 326 -22.96 -31.25 1.21
CA ASP A 326 -22.69 -31.72 -0.15
C ASP A 326 -21.99 -30.64 -0.96
N PHE A 327 -22.21 -29.39 -0.60
CA PHE A 327 -21.59 -28.27 -1.29
C PHE A 327 -20.13 -28.11 -0.87
N LEU A 328 -19.82 -28.50 0.36
CA LEU A 328 -18.44 -28.55 0.82
C LEU A 328 -17.63 -29.48 -0.06
N LYS A 329 -18.27 -30.55 -0.52
CA LYS A 329 -17.65 -31.50 -1.43
C LYS A 329 -17.38 -30.84 -2.77
N SER A 330 -18.40 -30.21 -3.35
CA SER A 330 -18.28 -29.56 -4.65
C SER A 330 -17.30 -28.40 -4.60
N VAL A 331 -17.09 -27.85 -3.40
CA VAL A 331 -16.12 -26.79 -3.21
C VAL A 331 -14.70 -27.37 -3.13
N THR A 332 -14.55 -28.45 -2.38
CA THR A 332 -13.24 -29.10 -2.22
C THR A 332 -12.75 -29.71 -3.52
N THR A 333 -13.67 -30.12 -4.39
CA THR A 333 -13.30 -30.66 -5.70
C THR A 333 -12.69 -29.57 -6.58
N LEU A 334 -13.26 -28.37 -6.50
CA LEU A 334 -12.82 -27.25 -7.33
C LEU A 334 -11.44 -26.76 -6.92
N ALA A 335 -11.18 -26.73 -5.61
CA ALA A 335 -9.89 -26.29 -5.10
C ALA A 335 -8.80 -27.30 -5.44
N MET A 336 -9.14 -28.59 -5.37
CA MET A 336 -8.20 -29.64 -5.70
C MET A 336 -7.96 -29.69 -7.20
N LYS A 337 -8.93 -29.23 -7.98
CA LYS A 337 -8.82 -29.20 -9.43
C LYS A 337 -7.95 -28.03 -9.88
N ALA A 338 -8.11 -26.89 -9.21
CA ALA A 338 -7.35 -25.69 -9.55
C ALA A 338 -6.02 -25.65 -8.82
N LYS A 339 -5.70 -26.75 -8.12
CA LYS A 339 -4.48 -26.86 -7.34
C LYS A 339 -4.33 -25.71 -6.34
N CYS A 340 -5.33 -25.57 -5.47
CA CYS A 340 -5.32 -24.51 -4.46
C CYS A 340 -5.64 -25.07 -3.08
N LYS A 341 -4.92 -24.59 -2.06
CA LYS A 341 -5.11 -25.06 -0.70
C LYS A 341 -6.44 -24.58 -0.12
N LEU A 342 -7.14 -25.48 0.57
CA LEU A 342 -8.42 -25.15 1.17
C LEU A 342 -8.37 -25.37 2.69
N THR A 343 -8.97 -24.45 3.44
CA THR A 343 -9.03 -24.55 4.89
C THR A 343 -10.39 -24.09 5.40
N ILE A 344 -10.89 -24.74 6.44
CA ILE A 344 -12.20 -24.41 7.01
C ILE A 344 -12.05 -23.43 8.18
N GLN A 357 -17.17 -13.77 6.06
CA GLN A 357 -16.35 -13.80 4.86
C GLN A 357 -16.63 -12.59 3.98
N ASP A 358 -17.91 -12.26 3.84
CA ASP A 358 -18.33 -11.09 3.05
C ASP A 358 -18.15 -9.81 3.84
N GLU A 359 -17.80 -9.95 5.12
CA GLU A 359 -17.59 -8.79 5.98
C GLU A 359 -16.13 -8.38 6.01
N MET A 360 -15.29 -9.11 5.27
CA MET A 360 -13.87 -8.82 5.26
C MET A 360 -13.26 -8.95 3.87
N GLU A 361 -12.13 -8.28 3.66
CA GLU A 361 -11.41 -8.32 2.40
C GLU A 361 -9.94 -8.60 2.65
N ILE A 362 -9.39 -9.61 1.99
CA ILE A 362 -8.00 -9.97 2.20
C ILE A 362 -7.06 -9.27 1.23
N GLY A 363 -6.28 -8.32 1.76
CA GLY A 363 -5.31 -7.60 0.96
C GLY A 363 -3.89 -7.93 1.39
N TYR A 364 -2.97 -7.02 1.14
CA TYR A 364 -1.57 -7.23 1.51
C TYR A 364 -0.76 -5.94 1.55
N ILE A 365 0.38 -5.99 2.23
CA ILE A 365 1.35 -4.90 2.19
C ILE A 365 2.70 -5.51 1.82
N GLN A 366 3.53 -4.77 1.07
CA GLN A 366 4.80 -5.33 0.63
C GLN A 366 5.96 -4.34 0.65
N ALA A 367 7.12 -4.86 1.01
CA ALA A 367 8.37 -4.10 1.03
C ALA A 367 9.44 -4.95 0.34
N PRO A 368 10.58 -4.34 -0.04
CA PRO A 368 11.64 -5.12 -0.68
C PRO A 368 12.14 -6.31 0.15
N HIS A 369 11.95 -6.25 1.47
CA HIS A 369 12.42 -7.32 2.34
C HIS A 369 11.32 -8.29 2.74
N LYS A 370 10.10 -7.79 2.99
CA LYS A 370 9.02 -8.65 3.43
C LYS A 370 7.70 -8.33 2.73
N THR A 371 6.91 -9.39 2.48
CA THR A 371 5.58 -9.25 1.91
C THR A 371 4.62 -10.20 2.62
N LEU A 372 3.53 -9.65 3.15
CA LEU A 372 2.57 -10.45 3.90
C LEU A 372 1.13 -10.01 3.67
N PRO A 373 0.17 -10.95 3.75
CA PRO A 373 -1.26 -10.65 3.59
C PRO A 373 -1.85 -9.92 4.79
N VAL A 374 -2.74 -8.97 4.53
CA VAL A 374 -3.41 -8.20 5.58
C VAL A 374 -4.92 -8.17 5.30
N VAL A 375 -5.73 -8.48 6.32
CA VAL A 375 -7.17 -8.49 6.14
C VAL A 375 -7.83 -7.20 6.64
N PHE A 376 -8.54 -6.53 5.74
CA PHE A 376 -9.32 -5.35 6.09
C PHE A 376 -10.72 -5.79 6.52
N ASP A 377 -11.06 -5.53 7.77
CA ASP A 377 -12.36 -5.93 8.29
C ASP A 377 -13.35 -4.77 8.31
N SER A 378 -14.53 -5.00 7.76
CA SER A 378 -15.57 -3.99 7.71
C SER A 378 -16.11 -3.67 9.10
N PRO A 379 -16.50 -2.41 9.33
CA PRO A 379 -17.12 -2.01 10.60
C PRO A 379 -18.46 -2.70 10.81
N ARG A 380 -19.10 -3.15 9.73
CA ARG A 380 -20.37 -3.86 9.82
C ARG A 380 -20.16 -5.30 10.25
N LYS A 390 -13.29 -9.22 16.68
CA LYS A 390 -12.68 -10.45 16.19
C LYS A 390 -11.65 -10.15 15.10
N ARG A 391 -10.38 -10.32 15.45
CA ARG A 391 -9.29 -10.06 14.52
C ARG A 391 -8.45 -11.32 14.31
N VAL A 392 -8.24 -11.69 13.05
CA VAL A 392 -7.45 -12.87 12.73
C VAL A 392 -5.98 -12.51 12.58
N MET A 393 -5.34 -12.18 13.71
CA MET A 393 -3.92 -11.87 13.70
C MET A 393 -3.11 -13.16 13.86
N GLY A 394 -1.96 -13.21 13.18
CA GLY A 394 -1.09 -14.37 13.25
C GLY A 394 0.21 -14.14 12.51
N PRO A 395 1.08 -15.17 12.46
CA PRO A 395 2.36 -15.08 11.76
C PRO A 395 2.17 -14.79 10.27
N ASP A 396 2.70 -13.66 9.80
CA ASP A 396 2.51 -13.21 8.43
C ASP A 396 1.03 -13.08 8.08
N PHE A 397 0.26 -12.45 8.96
CA PHE A 397 -1.14 -12.19 8.68
C PHE A 397 -1.57 -10.89 9.38
N GLY A 398 -1.65 -9.82 8.60
CA GLY A 398 -1.94 -8.51 9.14
C GLY A 398 -3.43 -8.24 9.35
N TYR A 399 -3.73 -7.16 10.06
CA TYR A 399 -5.10 -6.78 10.35
C TYR A 399 -5.23 -5.27 10.51
N VAL A 400 -6.20 -4.68 9.80
CA VAL A 400 -6.42 -3.25 9.88
C VAL A 400 -7.92 -2.95 9.93
N THR A 401 -8.30 -1.94 10.71
CA THR A 401 -9.71 -1.58 10.85
C THR A 401 -9.92 -0.07 10.87
N ARG A 402 -10.81 0.41 10.00
CA ARG A 402 -11.13 1.83 9.93
C ARG A 402 -12.60 2.04 9.59
N ILE A 409 -23.58 3.37 10.91
CA ILE A 409 -23.15 2.35 9.96
C ILE A 409 -24.22 2.12 8.89
N SER A 410 -23.83 2.28 7.63
CA SER A 410 -24.73 2.05 6.51
C SER A 410 -24.52 0.66 5.92
N GLY A 411 -25.45 0.23 5.08
CA GLY A 411 -25.38 -1.09 4.46
C GLY A 411 -24.39 -1.13 3.30
N LEU A 412 -23.80 0.01 2.98
CA LEU A 412 -22.83 0.10 1.90
C LEU A 412 -21.41 0.08 2.46
N ASP A 413 -21.30 -0.13 3.76
CA ASP A 413 -20.00 -0.17 4.44
C ASP A 413 -19.42 -1.57 4.44
N SER A 414 -20.24 -2.54 4.06
CA SER A 414 -19.79 -3.93 3.96
C SER A 414 -18.88 -4.08 2.75
N PHE A 415 -18.01 -5.09 2.77
CA PHE A 415 -16.99 -5.21 1.74
C PHE A 415 -17.40 -6.09 0.58
N GLY A 416 -18.70 -6.36 0.48
CA GLY A 416 -19.26 -6.96 -0.72
C GLY A 416 -19.45 -5.84 -1.72
N ASN A 417 -19.53 -4.63 -1.19
CA ASN A 417 -19.62 -3.41 -2.00
C ASN A 417 -18.22 -2.93 -2.37
N LEU A 418 -17.21 -3.71 -2.00
CA LEU A 418 -15.82 -3.35 -2.24
C LEU A 418 -15.10 -4.37 -3.12
N GLU A 419 -14.73 -3.94 -4.33
CA GLU A 419 -14.03 -4.81 -5.27
C GLU A 419 -12.93 -4.06 -6.01
N VAL A 420 -12.14 -4.79 -6.79
CA VAL A 420 -11.05 -4.18 -7.53
C VAL A 420 -10.89 -4.80 -8.93
N SER A 421 -10.55 -3.96 -9.90
CA SER A 421 -10.40 -4.38 -11.29
C SER A 421 -9.01 -4.93 -11.57
N PRO A 422 -8.83 -5.65 -12.69
CA PRO A 422 -7.50 -6.07 -13.14
C PRO A 422 -6.66 -4.88 -13.59
N PRO A 423 -5.34 -5.08 -13.79
CA PRO A 423 -4.49 -4.00 -14.33
C PRO A 423 -5.00 -3.45 -15.66
N VAL A 424 -5.21 -2.15 -15.71
CA VAL A 424 -5.71 -1.49 -16.92
C VAL A 424 -4.95 -0.21 -17.24
N THR A 425 -5.12 0.29 -18.46
CA THR A 425 -4.55 1.56 -18.87
C THR A 425 -5.64 2.44 -19.47
N VAL A 426 -5.92 3.57 -18.81
CA VAL A 426 -7.05 4.41 -19.19
C VAL A 426 -6.61 5.76 -19.76
N ARG A 427 -6.59 5.85 -21.09
CA ARG A 427 -6.27 7.09 -21.80
C ARG A 427 -4.94 7.69 -21.35
N GLY A 428 -3.89 6.88 -21.36
CA GLY A 428 -2.58 7.35 -20.97
C GLY A 428 -2.14 6.85 -19.60
N LYS A 429 -2.93 7.17 -18.57
CA LYS A 429 -2.59 6.78 -17.21
C LYS A 429 -2.59 5.26 -17.05
N GLU A 430 -1.53 4.72 -16.44
CA GLU A 430 -1.41 3.29 -16.23
C GLU A 430 -1.77 2.90 -14.80
N TYR A 431 -2.62 1.88 -14.67
CA TYR A 431 -2.99 1.35 -13.37
C TYR A 431 -2.61 -0.13 -13.28
N PRO A 432 -1.32 -0.40 -13.00
CA PRO A 432 -0.78 -1.76 -12.97
C PRO A 432 -1.23 -2.56 -11.75
N LEU A 433 -1.90 -1.88 -10.82
CA LEU A 433 -2.42 -2.55 -9.63
C LEU A 433 -3.94 -2.54 -9.63
N GLY A 434 -4.52 -2.16 -10.77
CA GLY A 434 -5.96 -2.11 -10.92
C GLY A 434 -6.59 -0.90 -10.25
N ARG A 435 -7.91 -0.82 -10.28
CA ARG A 435 -8.63 0.26 -9.62
C ARG A 435 -9.71 -0.28 -8.69
N ILE A 436 -9.79 0.28 -7.50
CA ILE A 436 -10.81 -0.10 -6.53
C ILE A 436 -12.20 0.38 -6.99
N LEU A 437 -13.19 -0.49 -6.85
CA LEU A 437 -14.56 -0.18 -7.24
C LEU A 437 -15.52 -0.32 -6.06
N PHE A 438 -16.23 0.75 -5.74
CA PHE A 438 -17.29 0.67 -4.73
C PHE A 438 -18.53 1.44 -5.18
N GLY A 439 -19.66 1.15 -4.55
CA GLY A 439 -20.94 1.69 -4.97
C GLY A 439 -21.41 2.90 -4.21
N ASP A 440 -22.29 3.68 -4.84
CA ASP A 440 -22.81 4.90 -4.24
C ASP A 440 -24.08 5.32 -4.97
N SER A 441 -24.81 6.25 -4.39
CA SER A 441 -26.00 6.81 -5.05
C SER A 441 -25.56 7.73 -6.18
N CYS A 442 -26.47 8.00 -7.11
CA CYS A 442 -26.17 8.90 -8.22
C CYS A 442 -26.11 10.35 -7.76
N TYR A 443 -26.89 10.67 -6.73
CA TYR A 443 -26.84 11.98 -6.10
C TYR A 443 -27.46 11.91 -4.70
N PRO A 444 -26.89 12.67 -3.75
CA PRO A 444 -27.31 12.61 -2.35
C PRO A 444 -28.73 13.14 -2.11
N SER A 445 -29.64 12.25 -1.70
CA SER A 445 -30.99 12.66 -1.31
C SER A 445 -31.28 12.16 0.10
N ASN A 446 -32.46 12.50 0.63
CA ASN A 446 -32.85 12.07 1.96
C ASN A 446 -32.97 10.55 2.07
N ASP A 447 -33.33 9.90 0.97
CA ASP A 447 -33.55 8.47 0.96
C ASP A 447 -32.43 7.71 0.25
N SER A 448 -31.31 8.38 0.02
CA SER A 448 -30.18 7.76 -0.66
C SER A 448 -29.11 7.31 0.33
N ARG A 449 -28.39 6.25 -0.02
CA ARG A 449 -27.34 5.70 0.84
C ARG A 449 -25.96 5.97 0.25
N GLN A 450 -24.93 5.81 1.08
CA GLN A 450 -23.56 5.97 0.63
C GLN A 450 -22.60 5.24 1.57
N MET A 451 -21.43 4.88 1.05
CA MET A 451 -20.38 4.33 1.88
C MET A 451 -19.84 5.43 2.79
N HIS A 452 -19.56 5.08 4.05
CA HIS A 452 -19.05 6.02 5.04
C HIS A 452 -17.83 6.77 4.49
N GLN A 453 -17.83 8.08 4.66
CA GLN A 453 -16.78 8.94 4.14
C GLN A 453 -15.41 8.58 4.70
N ALA A 454 -15.40 8.04 5.92
CA ALA A 454 -14.17 7.61 6.56
C ALA A 454 -13.55 6.43 5.81
N LEU A 455 -14.40 5.57 5.27
CA LEU A 455 -13.96 4.42 4.49
C LEU A 455 -13.43 4.87 3.12
N GLN A 456 -14.17 5.77 2.47
CA GLN A 456 -13.77 6.28 1.16
C GLN A 456 -12.42 6.99 1.23
N ASP A 457 -12.19 7.70 2.33
CA ASP A 457 -10.94 8.43 2.51
C ASP A 457 -9.74 7.49 2.64
N PHE A 458 -9.93 6.39 3.36
CA PHE A 458 -8.86 5.41 3.56
C PHE A 458 -8.41 4.80 2.25
N LEU A 459 -9.37 4.43 1.39
CA LEU A 459 -9.08 3.82 0.11
C LEU A 459 -8.37 4.79 -0.82
N SER A 460 -8.75 6.06 -0.75
CA SER A 460 -8.14 7.10 -1.57
C SER A 460 -6.76 7.47 -1.04
N ALA A 461 -6.56 7.25 0.25
CA ALA A 461 -5.29 7.58 0.90
C ALA A 461 -4.21 6.56 0.54
N GLN A 462 -4.64 5.36 0.14
CA GLN A 462 -3.70 4.32 -0.25
C GLN A 462 -3.08 4.64 -1.61
N GLN A 463 -3.76 5.50 -2.36
CA GLN A 463 -3.22 6.14 -3.56
C GLN A 463 -2.99 5.19 -4.75
N VAL A 464 -2.32 4.07 -4.51
CA VAL A 464 -1.89 3.16 -5.57
C VAL A 464 -3.04 2.61 -6.43
N GLN A 465 -4.22 2.47 -5.85
CA GLN A 465 -5.38 1.97 -6.59
C GLN A 465 -6.51 2.99 -6.57
N ALA A 466 -6.55 3.84 -7.58
CA ALA A 466 -7.54 4.91 -7.67
C ALA A 466 -8.97 4.37 -7.63
N PRO A 467 -9.71 4.74 -6.58
CA PRO A 467 -11.09 4.28 -6.40
C PRO A 467 -12.05 4.89 -7.43
N VAL A 468 -13.00 4.08 -7.90
CA VAL A 468 -14.03 4.55 -8.82
C VAL A 468 -15.40 4.40 -8.18
N LYS A 469 -16.17 5.47 -8.14
CA LYS A 469 -17.49 5.45 -7.54
C LYS A 469 -18.53 4.96 -8.54
N LEU A 470 -19.16 3.83 -8.24
CA LEU A 470 -20.20 3.27 -9.11
C LEU A 470 -21.59 3.49 -8.54
N TYR A 471 -22.60 3.11 -9.30
CA TYR A 471 -23.99 3.24 -8.86
C TYR A 471 -24.55 1.89 -8.47
N SER A 472 -24.93 1.75 -7.20
CA SER A 472 -25.43 0.47 -6.69
C SER A 472 -26.53 0.66 -5.66
N ASP A 473 -26.98 1.90 -5.49
CA ASP A 473 -28.01 2.22 -4.51
C ASP A 473 -29.38 1.69 -4.95
N TRP A 474 -29.47 1.28 -6.21
CA TRP A 474 -30.71 0.76 -6.76
C TRP A 474 -31.03 -0.62 -6.18
N LEU A 475 -29.99 -1.43 -5.97
CA LEU A 475 -30.16 -2.77 -5.41
C LEU A 475 -30.68 -2.73 -3.98
N SER A 476 -31.26 -3.83 -3.53
CA SER A 476 -31.75 -3.93 -2.16
C SER A 476 -30.59 -3.96 -1.18
N VAL A 477 -29.64 -4.86 -1.44
CA VAL A 477 -28.44 -4.95 -0.62
C VAL A 477 -27.54 -3.74 -0.89
N GLY A 478 -27.24 -3.50 -2.16
CA GLY A 478 -26.50 -2.32 -2.55
C GLY A 478 -25.02 -2.58 -2.83
N HIS A 479 -24.63 -3.85 -2.76
CA HIS A 479 -23.25 -4.24 -3.01
C HIS A 479 -22.94 -4.28 -4.50
N VAL A 480 -21.67 -4.06 -4.85
CA VAL A 480 -21.28 -3.99 -6.26
C VAL A 480 -21.01 -5.37 -6.86
N ASP A 481 -20.70 -6.34 -6.00
CA ASP A 481 -20.32 -7.66 -6.47
C ASP A 481 -21.51 -8.44 -7.00
N GLU A 482 -22.72 -7.96 -6.70
CA GLU A 482 -23.93 -8.66 -7.11
C GLU A 482 -24.45 -8.20 -8.47
N PHE A 483 -23.65 -7.41 -9.19
CA PHE A 483 -24.02 -7.03 -10.55
C PHE A 483 -22.81 -6.85 -11.44
N LEU A 484 -21.62 -7.23 -10.94
CA LEU A 484 -20.42 -7.22 -11.75
C LEU A 484 -19.36 -8.19 -11.23
N SER A 485 -18.50 -8.64 -12.13
CA SER A 485 -17.41 -9.55 -11.79
C SER A 485 -16.37 -9.62 -12.90
N PHE A 486 -15.19 -10.14 -12.58
CA PHE A 486 -14.10 -10.27 -13.55
C PHE A 486 -13.62 -11.71 -13.67
N VAL A 487 -13.26 -12.12 -14.89
CA VAL A 487 -12.74 -13.46 -15.14
C VAL A 487 -11.49 -13.42 -16.02
N PRO A 488 -10.56 -14.35 -15.77
CA PRO A 488 -9.34 -14.45 -16.59
C PRO A 488 -9.62 -14.88 -18.03
N ALA A 489 -9.14 -14.10 -18.99
CA ALA A 489 -9.31 -14.42 -20.40
C ALA A 489 -7.96 -14.77 -21.04
N PRO A 490 -7.99 -15.58 -22.10
CA PRO A 490 -6.72 -15.96 -22.76
C PRO A 490 -6.16 -14.87 -23.67
N ASP A 491 -7.02 -14.11 -24.34
CA ASP A 491 -6.57 -13.13 -25.32
C ASP A 491 -6.92 -11.69 -24.92
N ARG A 492 -6.60 -10.76 -25.81
CA ARG A 492 -6.81 -9.33 -25.59
C ARG A 492 -6.18 -8.84 -24.30
N LYS A 493 -6.99 -8.24 -23.43
CA LYS A 493 -6.51 -7.70 -22.16
C LYS A 493 -6.10 -8.82 -21.21
N GLY A 494 -6.62 -10.01 -21.43
CA GLY A 494 -6.34 -11.14 -20.57
C GLY A 494 -7.44 -11.35 -19.56
N PHE A 495 -8.48 -10.52 -19.64
CA PHE A 495 -9.62 -10.63 -18.75
C PHE A 495 -10.90 -10.21 -19.44
N ARG A 496 -12.03 -10.51 -18.80
CA ARG A 496 -13.34 -10.07 -19.28
C ARG A 496 -14.13 -9.50 -18.11
N LEU A 497 -15.05 -8.59 -18.41
CA LEU A 497 -15.91 -8.02 -17.38
C LEU A 497 -17.30 -8.65 -17.45
N LEU A 498 -17.69 -9.34 -16.38
CA LEU A 498 -19.00 -9.98 -16.34
C LEU A 498 -20.05 -9.07 -15.74
N LEU A 499 -21.05 -8.73 -16.56
CA LEU A 499 -22.16 -7.90 -16.11
C LEU A 499 -23.49 -8.63 -16.25
N ALA A 500 -24.32 -8.55 -15.22
CA ALA A 500 -25.67 -9.11 -15.29
C ALA A 500 -26.47 -8.40 -16.37
N SER A 501 -27.32 -9.13 -17.06
CA SER A 501 -28.09 -8.55 -18.15
C SER A 501 -29.47 -9.19 -18.29
N PRO A 502 -30.52 -8.42 -17.96
CA PRO A 502 -31.91 -8.87 -18.13
C PRO A 502 -32.25 -9.12 -19.59
N ARG A 503 -31.68 -8.31 -20.48
CA ARG A 503 -31.90 -8.45 -21.91
C ARG A 503 -31.35 -9.77 -22.42
N SER A 504 -30.21 -10.17 -21.86
CA SER A 504 -29.58 -11.44 -22.20
C SER A 504 -30.45 -12.62 -21.76
N CYS A 505 -31.05 -12.49 -20.58
CA CYS A 505 -31.89 -13.54 -20.03
C CYS A 505 -33.22 -13.66 -20.79
N TYR A 506 -33.79 -12.53 -21.15
CA TYR A 506 -35.08 -12.51 -21.85
C TYR A 506 -34.97 -13.09 -23.26
N LYS A 507 -33.84 -12.83 -23.91
CA LYS A 507 -33.63 -13.31 -25.28
C LYS A 507 -33.63 -14.83 -25.33
N LEU A 508 -33.00 -15.46 -24.34
CA LEU A 508 -32.97 -16.92 -24.25
C LEU A 508 -34.37 -17.49 -24.07
N PHE A 509 -35.13 -16.91 -23.14
CA PHE A 509 -36.47 -17.38 -22.83
C PHE A 509 -37.42 -17.22 -24.01
N GLN A 510 -37.29 -16.12 -24.74
CA GLN A 510 -38.12 -15.89 -25.91
C GLN A 510 -37.72 -16.82 -27.06
N GLU A 511 -36.42 -17.10 -27.14
CA GLU A 511 -35.89 -17.98 -28.16
C GLU A 511 -36.28 -19.43 -27.91
N GLN A 512 -36.44 -19.79 -26.64
CA GLN A 512 -36.84 -21.13 -26.27
C GLN A 512 -38.35 -21.30 -26.36
N GLN A 513 -39.08 -20.19 -26.28
CA GLN A 513 -40.52 -20.20 -26.48
C GLN A 513 -40.82 -20.47 -27.95
N ASN A 514 -40.02 -19.88 -28.81
CA ASN A 514 -40.12 -20.11 -30.25
C ASN A 514 -39.65 -21.51 -30.62
N GLU A 515 -38.81 -22.08 -29.75
CA GLU A 515 -38.27 -23.42 -29.97
C GLU A 515 -39.26 -24.50 -29.55
N GLY A 516 -40.41 -24.09 -29.02
CA GLY A 516 -41.45 -25.02 -28.65
C GLY A 516 -41.43 -25.42 -27.19
N HIS A 517 -40.30 -25.15 -26.52
CA HIS A 517 -40.15 -25.51 -25.11
C HIS A 517 -40.59 -24.39 -24.19
N GLY A 518 -41.64 -23.68 -24.59
CA GLY A 518 -42.18 -22.59 -23.80
C GLY A 518 -43.06 -23.04 -22.65
N GLU A 519 -43.11 -24.35 -22.43
CA GLU A 519 -43.89 -24.91 -21.33
C GLU A 519 -42.99 -25.32 -20.18
N ALA A 520 -41.69 -25.06 -20.33
CA ALA A 520 -40.70 -25.41 -19.32
C ALA A 520 -40.97 -24.69 -18.01
N LEU A 521 -40.95 -25.44 -16.91
CA LEU A 521 -41.22 -24.88 -15.59
C LEU A 521 -39.93 -24.65 -14.80
N LEU A 522 -39.72 -23.41 -14.38
CA LEU A 522 -38.56 -23.08 -13.56
C LEU A 522 -38.76 -23.57 -12.13
N PHE A 523 -37.72 -23.42 -11.31
CA PHE A 523 -37.80 -23.76 -9.89
C PHE A 523 -38.08 -25.25 -9.69
N GLU A 524 -37.65 -26.05 -10.65
CA GLU A 524 -37.89 -27.49 -10.60
C GLU A 524 -36.88 -28.19 -9.71
N GLY A 525 -37.31 -29.25 -9.04
CA GLY A 525 -36.44 -30.01 -8.17
C GLY A 525 -36.08 -29.26 -6.90
N ILE A 526 -36.93 -28.32 -6.50
CA ILE A 526 -36.69 -27.51 -5.32
C ILE A 526 -37.67 -27.89 -4.21
N LYS A 527 -37.20 -27.91 -2.98
CA LYS A 527 -38.02 -28.30 -1.84
C LYS A 527 -39.20 -27.37 -1.64
N LYS A 528 -38.92 -26.08 -1.56
CA LYS A 528 -39.95 -25.09 -1.29
C LYS A 528 -39.91 -23.96 -2.32
N LYS A 529 -40.61 -24.15 -3.42
CA LYS A 529 -40.61 -23.16 -4.50
C LYS A 529 -41.83 -23.34 -5.40
N LYS A 530 -42.18 -22.28 -6.12
CA LYS A 530 -43.32 -22.31 -7.03
C LYS A 530 -42.87 -22.40 -8.48
N GLN A 531 -43.47 -23.33 -9.22
CA GLN A 531 -43.13 -23.54 -10.62
C GLN A 531 -43.56 -22.36 -11.47
N GLN A 532 -42.66 -21.92 -12.35
CA GLN A 532 -42.94 -20.81 -13.25
C GLN A 532 -42.61 -21.19 -14.70
N LYS A 533 -43.58 -21.01 -15.58
CA LYS A 533 -43.39 -21.35 -16.99
C LYS A 533 -42.79 -20.20 -17.78
N ILE A 534 -42.01 -20.54 -18.81
CA ILE A 534 -41.38 -19.54 -19.66
C ILE A 534 -42.44 -18.70 -20.38
N LYS A 535 -43.53 -19.34 -20.77
CA LYS A 535 -44.62 -18.68 -21.47
C LYS A 535 -45.21 -17.51 -20.67
N ASN A 536 -45.62 -17.78 -19.44
CA ASN A 536 -46.27 -16.77 -18.63
C ASN A 536 -45.29 -15.85 -17.89
N ILE A 537 -44.01 -16.18 -17.96
CA ILE A 537 -42.97 -15.32 -17.42
C ILE A 537 -42.70 -14.18 -18.40
N LEU A 538 -42.71 -14.52 -19.69
CA LEU A 538 -42.54 -13.55 -20.76
C LEU A 538 -43.81 -12.73 -20.95
N SER A 539 -44.95 -13.27 -20.51
CA SER A 539 -46.23 -12.59 -20.68
C SER A 539 -46.53 -11.68 -19.49
N ASN A 540 -45.60 -11.61 -18.54
CA ASN A 540 -45.77 -10.76 -17.37
C ASN A 540 -45.31 -9.34 -17.66
N LYS A 541 -46.27 -8.42 -17.71
CA LYS A 541 -45.98 -7.03 -18.03
C LYS A 541 -45.34 -6.30 -16.86
N THR A 542 -45.51 -6.83 -15.66
CA THR A 542 -44.96 -6.23 -14.46
C THR A 542 -43.46 -6.52 -14.35
N LEU A 543 -43.10 -7.79 -14.54
CA LEU A 543 -41.72 -8.23 -14.44
C LEU A 543 -40.86 -7.67 -15.56
N ARG A 544 -41.47 -7.47 -16.73
CA ARG A 544 -40.76 -7.02 -17.91
C ARG A 544 -40.40 -5.54 -17.82
N GLU A 545 -41.19 -4.79 -17.05
CA GLU A 545 -40.95 -3.37 -16.87
C GLU A 545 -39.83 -3.14 -15.87
N HIS A 546 -39.80 -3.99 -14.84
CA HIS A 546 -38.81 -3.88 -13.78
C HIS A 546 -37.41 -4.27 -14.28
N ASN A 547 -37.36 -5.34 -15.06
CA ASN A 547 -36.08 -5.78 -15.62
C ASN A 547 -35.63 -4.86 -16.76
N SER A 548 -36.54 -3.97 -17.19
CA SER A 548 -36.20 -2.95 -18.16
C SER A 548 -35.58 -1.75 -17.43
N PHE A 549 -36.00 -1.55 -16.19
CA PHE A 549 -35.46 -0.49 -15.35
C PHE A 549 -34.10 -0.89 -14.78
N VAL A 550 -33.98 -2.14 -14.35
CA VAL A 550 -32.71 -2.64 -13.81
C VAL A 550 -31.63 -2.61 -14.89
N GLU A 551 -32.00 -3.01 -16.10
CA GLU A 551 -31.08 -3.00 -17.23
C GLU A 551 -30.54 -1.59 -17.47
N ARG A 552 -31.39 -0.59 -17.23
CA ARG A 552 -31.01 0.80 -17.41
C ARG A 552 -29.96 1.24 -16.40
N CYS A 553 -30.03 0.66 -15.19
CA CYS A 553 -29.05 0.95 -14.15
C CYS A 553 -27.70 0.36 -14.49
N ILE A 554 -27.69 -0.93 -14.83
CA ILE A 554 -26.47 -1.63 -15.19
C ILE A 554 -25.85 -0.99 -16.44
N ASP A 555 -26.70 -0.52 -17.34
CA ASP A 555 -26.23 0.18 -18.55
C ASP A 555 -25.50 1.48 -18.19
N TRP A 556 -25.95 2.14 -17.12
CA TRP A 556 -25.29 3.36 -16.64
C TRP A 556 -23.90 3.04 -16.11
N ASN A 557 -23.82 2.04 -15.25
CA ASN A 557 -22.54 1.58 -14.72
C ASN A 557 -21.67 0.98 -15.83
N ARG A 558 -22.31 0.43 -16.85
CA ARG A 558 -21.62 -0.15 -18.00
C ARG A 558 -20.76 0.91 -18.68
N GLU A 559 -21.34 2.09 -18.88
CA GLU A 559 -20.63 3.19 -19.54
C GLU A 559 -19.67 3.87 -18.57
N LEU A 560 -19.94 3.74 -17.27
CA LEU A 560 -19.07 4.30 -16.25
C LEU A 560 -17.76 3.52 -16.21
N LEU A 561 -17.87 2.19 -16.24
CA LEU A 561 -16.70 1.31 -16.24
C LEU A 561 -15.93 1.40 -17.55
N LYS A 562 -16.65 1.61 -18.65
CA LYS A 562 -16.02 1.74 -19.96
C LYS A 562 -15.14 2.98 -20.03
N ARG A 563 -15.46 3.97 -19.22
CA ARG A 563 -14.75 5.25 -19.25
C ARG A 563 -13.65 5.32 -18.21
N GLU A 564 -13.86 4.70 -17.06
CA GLU A 564 -12.91 4.78 -15.95
C GLU A 564 -11.95 3.59 -15.93
N LEU A 565 -12.19 2.60 -16.78
CA LEU A 565 -11.29 1.45 -16.88
C LEU A 565 -10.77 1.29 -18.30
N GLY A 566 -11.24 2.17 -19.19
CA GLY A 566 -10.84 2.15 -20.59
C GLY A 566 -11.18 0.83 -21.26
N LEU A 567 -12.46 0.48 -21.23
CA LEU A 567 -12.91 -0.80 -21.77
C LEU A 567 -13.75 -0.62 -23.03
N ALA A 568 -13.48 -1.45 -24.04
CA ALA A 568 -14.31 -1.51 -25.23
C ALA A 568 -15.40 -2.56 -25.02
N GLU A 569 -16.41 -2.55 -25.88
CA GLU A 569 -17.50 -3.52 -25.78
C GLU A 569 -17.02 -4.95 -26.03
N SER A 570 -15.84 -5.06 -26.63
CA SER A 570 -15.25 -6.36 -26.95
C SER A 570 -14.57 -6.99 -25.74
N ASP A 571 -14.69 -6.33 -24.59
CA ASP A 571 -14.12 -6.85 -23.35
C ASP A 571 -15.21 -7.17 -22.33
N ILE A 572 -16.45 -6.89 -22.69
CA ILE A 572 -17.58 -7.08 -21.80
C ILE A 572 -18.42 -8.29 -22.21
N ILE A 573 -18.82 -9.10 -21.23
CA ILE A 573 -19.70 -10.24 -21.48
C ILE A 573 -20.97 -10.13 -20.66
N ASP A 574 -22.12 -10.18 -21.34
CA ASP A 574 -23.41 -10.09 -20.68
C ASP A 574 -23.87 -11.46 -20.19
N ILE A 575 -24.20 -11.54 -18.91
CA ILE A 575 -24.67 -12.78 -18.30
C ILE A 575 -26.15 -12.69 -17.96
N PRO A 576 -26.93 -13.71 -18.38
CA PRO A 576 -28.38 -13.78 -18.16
C PRO A 576 -28.76 -13.72 -16.69
N GLN A 577 -29.62 -12.76 -16.33
CA GLN A 577 -30.03 -12.54 -14.95
C GLN A 577 -31.18 -11.54 -14.89
N LEU A 578 -32.17 -11.80 -14.04
CA LEU A 578 -33.26 -10.84 -13.86
C LEU A 578 -33.61 -10.67 -12.38
N PHE A 579 -34.23 -9.55 -12.07
CA PHE A 579 -34.47 -9.16 -10.68
C PHE A 579 -35.95 -8.89 -10.41
N LYS A 580 -36.34 -9.01 -9.14
CA LYS A 580 -37.69 -8.67 -8.71
C LYS A 580 -37.64 -7.47 -7.78
N LEU A 581 -38.52 -6.50 -8.01
CA LEU A 581 -38.57 -5.32 -7.16
C LEU A 581 -39.13 -5.65 -5.79
N LYS A 582 -38.51 -5.09 -4.76
CA LYS A 582 -38.96 -5.27 -3.38
C LYS A 582 -39.55 -3.96 -2.85
N GLU A 583 -39.85 -3.92 -1.55
CA GLU A 583 -40.37 -2.71 -0.94
C GLU A 583 -39.35 -1.59 -1.06
N PHE A 584 -39.84 -0.35 -1.11
CA PHE A 584 -39.02 0.82 -1.38
C PHE A 584 -38.32 0.71 -2.74
N SER A 585 -38.95 -0.02 -3.65
CA SER A 585 -38.49 -0.16 -5.03
C SER A 585 -37.07 -0.70 -5.14
N LYS A 586 -36.63 -1.46 -4.14
CA LYS A 586 -35.29 -2.05 -4.13
C LYS A 586 -35.26 -3.34 -4.94
N ALA A 587 -34.07 -3.78 -5.31
CA ALA A 587 -33.92 -4.91 -6.23
C ALA A 587 -33.23 -6.12 -5.62
N GLU A 588 -33.90 -7.27 -5.67
CA GLU A 588 -33.30 -8.55 -5.32
C GLU A 588 -33.28 -9.44 -6.56
N ALA A 589 -32.34 -10.40 -6.58
CA ALA A 589 -32.26 -11.35 -7.68
C ALA A 589 -33.47 -12.28 -7.69
N PHE A 590 -34.07 -12.46 -8.86
CA PHE A 590 -35.24 -13.33 -8.98
C PHE A 590 -34.83 -14.80 -8.85
N PHE A 591 -33.71 -15.16 -9.45
CA PHE A 591 -33.08 -16.46 -9.20
C PHE A 591 -31.63 -16.20 -8.79
N PRO A 592 -31.00 -17.17 -8.10
CA PRO A 592 -29.63 -17.00 -7.56
C PRO A 592 -28.67 -16.31 -8.53
N ASN A 593 -28.06 -15.23 -8.07
CA ASN A 593 -27.18 -14.40 -8.89
C ASN A 593 -25.97 -15.16 -9.40
N MET A 594 -25.87 -15.28 -10.73
CA MET A 594 -24.80 -16.05 -11.36
C MET A 594 -23.55 -15.24 -11.63
N VAL A 595 -23.70 -13.94 -11.83
CA VAL A 595 -22.57 -13.08 -12.15
C VAL A 595 -21.62 -13.01 -10.95
N ASN A 596 -22.17 -13.10 -9.76
CA ASN A 596 -21.38 -13.24 -8.54
C ASN A 596 -21.01 -14.71 -8.35
N MET A 597 -19.73 -14.99 -8.14
CA MET A 597 -19.27 -16.36 -8.05
C MET A 597 -17.93 -16.48 -7.33
N LEU A 598 -17.32 -17.67 -7.44
CA LEU A 598 -16.01 -17.94 -6.87
C LEU A 598 -15.01 -18.27 -7.98
N VAL A 599 -14.13 -17.33 -8.28
CA VAL A 599 -13.18 -17.51 -9.37
C VAL A 599 -11.80 -17.94 -8.86
N LEU A 600 -11.42 -19.18 -9.16
CA LEU A 600 -10.13 -19.71 -8.78
C LEU A 600 -9.29 -20.04 -10.01
N GLY A 601 -8.93 -19.01 -10.77
CA GLY A 601 -8.16 -19.19 -11.98
C GLY A 601 -9.03 -19.59 -13.16
N LYS A 602 -8.65 -20.68 -13.82
CA LYS A 602 -9.40 -21.19 -14.96
C LYS A 602 -10.69 -21.88 -14.53
N HIS A 603 -10.82 -22.10 -13.23
CA HIS A 603 -11.97 -22.84 -12.70
C HIS A 603 -12.98 -21.93 -12.02
N LEU A 604 -14.22 -21.96 -12.52
CA LEU A 604 -15.28 -21.13 -11.96
C LEU A 604 -16.15 -21.95 -11.00
N GLY A 605 -16.92 -21.25 -10.19
CA GLY A 605 -17.80 -21.90 -9.23
C GLY A 605 -19.14 -21.21 -9.17
N ILE A 606 -19.72 -20.96 -10.34
CA ILE A 606 -21.00 -20.25 -10.46
C ILE A 606 -22.10 -20.93 -9.66
N PRO A 607 -22.96 -20.13 -9.00
CA PRO A 607 -24.15 -20.70 -8.37
C PRO A 607 -25.09 -21.33 -9.40
N LYS A 608 -25.62 -22.51 -9.09
CA LYS A 608 -26.54 -23.18 -10.00
C LYS A 608 -27.87 -22.42 -10.08
N PRO A 609 -28.23 -21.95 -11.27
CA PRO A 609 -29.39 -21.10 -11.47
C PRO A 609 -30.73 -21.80 -11.27
N PHE A 610 -30.75 -23.13 -11.44
CA PHE A 610 -31.98 -23.91 -11.37
C PHE A 610 -33.01 -23.42 -12.37
N GLY A 611 -32.53 -22.96 -13.52
CA GLY A 611 -33.41 -22.47 -14.58
C GLY A 611 -34.18 -23.60 -15.22
N PRO A 612 -35.21 -23.25 -16.02
CA PRO A 612 -36.07 -24.22 -16.71
C PRO A 612 -35.29 -25.26 -17.50
N VAL A 613 -35.67 -26.53 -17.35
CA VAL A 613 -34.98 -27.63 -18.01
C VAL A 613 -35.45 -27.81 -19.45
N ILE A 614 -34.50 -27.83 -20.37
CA ILE A 614 -34.81 -28.03 -21.78
C ILE A 614 -33.87 -29.06 -22.40
N ASN A 615 -34.43 -30.19 -22.81
CA ASN A 615 -33.68 -31.28 -23.41
C ASN A 615 -32.54 -31.76 -22.52
N GLY A 616 -32.86 -32.07 -21.26
CA GLY A 616 -31.89 -32.63 -20.34
C GLY A 616 -31.26 -31.62 -19.39
N ARG A 617 -30.52 -30.66 -19.95
CA ARG A 617 -29.76 -29.72 -19.15
C ARG A 617 -30.40 -28.34 -19.08
N CYS A 618 -30.07 -27.59 -18.03
CA CYS A 618 -30.59 -26.24 -17.83
C CYS A 618 -30.11 -25.29 -18.93
N CYS A 619 -31.04 -24.55 -19.52
CA CYS A 619 -30.72 -23.66 -20.63
C CYS A 619 -29.90 -22.45 -20.20
N LEU A 620 -30.09 -22.01 -18.95
CA LEU A 620 -29.32 -20.91 -18.40
C LEU A 620 -27.84 -21.28 -18.30
N GLU A 621 -27.58 -22.48 -17.80
CA GLU A 621 -26.21 -22.98 -17.69
C GLU A 621 -25.60 -23.18 -19.06
N GLU A 622 -26.44 -23.59 -20.01
CA GLU A 622 -26.01 -23.85 -21.38
C GLU A 622 -25.49 -22.58 -22.04
N LYS A 623 -26.16 -21.45 -21.76
CA LYS A 623 -25.76 -20.18 -22.33
C LYS A 623 -24.56 -19.60 -21.57
N VAL A 624 -24.59 -19.75 -20.24
CA VAL A 624 -23.48 -19.31 -19.40
C VAL A 624 -22.20 -20.03 -19.79
N CYS A 625 -22.30 -21.35 -20.02
CA CYS A 625 -21.16 -22.13 -20.47
C CYS A 625 -20.74 -21.75 -21.88
N SER A 626 -21.73 -21.47 -22.74
CA SER A 626 -21.46 -21.11 -24.13
C SER A 626 -20.66 -19.83 -24.25
N LEU A 627 -20.71 -19.01 -23.20
CA LEU A 627 -20.01 -17.73 -23.18
C LEU A 627 -18.67 -17.84 -22.45
N LEU A 628 -18.57 -18.78 -21.52
CA LEU A 628 -17.39 -18.88 -20.67
C LEU A 628 -16.42 -19.99 -21.09
N GLU A 629 -16.95 -21.07 -21.65
CA GLU A 629 -16.10 -22.16 -22.15
C GLU A 629 -15.11 -21.72 -23.25
N PRO A 630 -15.55 -20.88 -24.21
CA PRO A 630 -14.57 -20.42 -25.21
C PRO A 630 -13.39 -19.63 -24.63
N LEU A 631 -13.52 -19.16 -23.40
CA LEU A 631 -12.42 -18.49 -22.71
C LEU A 631 -11.46 -19.50 -22.13
N GLY A 632 -11.92 -20.74 -21.99
CA GLY A 632 -11.13 -21.79 -21.38
C GLY A 632 -11.45 -21.94 -19.91
N LEU A 633 -12.68 -21.60 -19.54
CA LEU A 633 -13.10 -21.63 -18.15
C LEU A 633 -14.02 -22.81 -17.85
N GLN A 634 -13.55 -23.70 -16.97
CA GLN A 634 -14.33 -24.87 -16.57
C GLN A 634 -15.40 -24.48 -15.56
N CYS A 635 -16.66 -24.57 -15.99
CA CYS A 635 -17.79 -24.19 -15.15
C CYS A 635 -18.21 -25.31 -14.20
N THR A 636 -18.47 -24.96 -12.95
CA THR A 636 -18.90 -25.93 -11.96
C THR A 636 -20.00 -25.33 -11.08
N PHE A 637 -21.25 -25.62 -11.41
CA PHE A 637 -22.39 -25.03 -10.72
C PHE A 637 -22.63 -25.68 -9.36
N ILE A 638 -22.88 -24.84 -8.35
CA ILE A 638 -23.03 -25.31 -6.98
C ILE A 638 -24.49 -25.33 -6.54
N ASN A 639 -24.89 -26.45 -5.93
CA ASN A 639 -26.26 -26.66 -5.48
C ASN A 639 -26.75 -25.61 -4.48
N ASP A 640 -25.92 -25.26 -3.51
CA ASP A 640 -26.29 -24.26 -2.51
C ASP A 640 -25.15 -23.29 -2.23
N PHE A 641 -25.01 -22.27 -3.07
CA PHE A 641 -23.98 -21.25 -2.88
C PHE A 641 -24.42 -20.26 -1.80
N PHE A 642 -25.64 -19.75 -1.93
CA PHE A 642 -26.15 -18.77 -0.97
C PHE A 642 -27.15 -19.39 0.01
N THR A 643 -27.14 -18.89 1.24
CA THR A 643 -28.04 -19.39 2.27
C THR A 643 -28.89 -18.26 2.86
N TYR A 644 -30.05 -18.61 3.38
CA TYR A 644 -30.98 -17.64 3.93
C TYR A 644 -30.96 -17.68 5.46
N HIS A 645 -31.09 -16.51 6.07
CA HIS A 645 -31.07 -16.38 7.53
C HIS A 645 -32.37 -15.78 8.06
N ILE A 646 -32.80 -16.26 9.22
CA ILE A 646 -34.01 -15.77 9.87
C ILE A 646 -35.24 -15.88 8.97
N GLY A 649 -33.44 -12.23 7.71
CA GLY A 649 -33.72 -11.99 6.30
C GLY A 649 -32.50 -11.52 5.53
N GLU A 650 -31.39 -12.23 5.70
CA GLU A 650 -30.15 -11.86 5.03
C GLU A 650 -29.59 -13.02 4.20
N VAL A 651 -29.28 -12.73 2.94
CA VAL A 651 -28.69 -13.72 2.03
C VAL A 651 -27.18 -13.55 1.96
N HIS A 652 -26.44 -14.58 2.40
CA HIS A 652 -24.99 -14.50 2.49
C HIS A 652 -24.28 -15.63 1.75
N ALA A 653 -22.96 -15.48 1.61
CA ALA A 653 -22.11 -16.52 1.05
C ALA A 653 -20.92 -16.74 1.99
N GLY A 654 -20.52 -18.00 2.15
CA GLY A 654 -19.51 -18.34 3.13
C GLY A 654 -18.08 -18.42 2.61
N THR A 655 -17.90 -18.22 1.31
CA THR A 655 -16.58 -18.38 0.71
C THR A 655 -15.77 -17.08 0.67
N ASN A 656 -14.47 -17.22 0.84
CA ASN A 656 -13.54 -16.09 0.75
C ASN A 656 -12.18 -16.57 0.28
N VAL A 657 -11.49 -15.75 -0.50
CA VAL A 657 -10.24 -16.17 -1.14
C VAL A 657 -9.03 -15.32 -0.74
N ARG A 658 -7.87 -15.97 -0.73
CA ARG A 658 -6.59 -15.28 -0.60
C ARG A 658 -5.78 -15.50 -1.86
N ARG A 659 -5.35 -14.42 -2.51
CA ARG A 659 -4.66 -14.52 -3.78
C ARG A 659 -3.22 -14.01 -3.72
N LYS A 660 -2.42 -14.43 -4.69
CA LYS A 660 -1.02 -14.03 -4.77
C LYS A 660 -0.91 -12.55 -5.16
N PRO A 661 -0.16 -11.77 -4.37
CA PRO A 661 0.06 -10.34 -4.61
C PRO A 661 0.72 -10.06 -5.96
N PHE A 662 0.62 -8.81 -6.41
CA PHE A 662 1.18 -8.41 -7.69
C PHE A 662 2.71 -8.52 -7.74
N SER A 663 3.22 -8.93 -8.90
CA SER A 663 4.66 -8.93 -9.14
C SER A 663 5.16 -7.50 -9.26
N PHE A 664 4.29 -6.62 -9.72
CA PHE A 664 4.60 -5.20 -9.84
C PHE A 664 4.72 -4.56 -8.46
N LYS A 665 5.89 -3.98 -8.18
CA LYS A 665 6.11 -3.30 -6.91
C LYS A 665 5.37 -1.97 -6.87
N TRP A 666 4.58 -1.76 -5.83
CA TRP A 666 3.68 -0.60 -5.74
C TRP A 666 4.39 0.74 -5.79
N TRP A 667 5.65 0.78 -5.37
CA TRP A 667 6.38 2.03 -5.27
C TRP A 667 6.95 2.47 -6.62
N ASN A 668 6.67 1.72 -7.67
CA ASN A 668 7.21 2.01 -9.00
C ASN A 668 6.28 2.83 -9.87
N MET A 669 4.99 2.84 -9.55
CA MET A 669 4.03 3.64 -10.30
C MET A 669 4.03 5.07 -9.78
N VAL A 670 3.69 6.01 -10.65
CA VAL A 670 3.61 7.42 -10.28
C VAL A 670 2.16 7.89 -10.32
N PRO A 671 1.50 7.90 -9.14
CA PRO A 671 0.09 8.29 -9.02
C PRO A 671 -0.17 9.71 -9.53
#